data_6G3A
#
_entry.id   6G3A
#
_cell.length_a   78.351
_cell.length_b   78.700
_cell.length_c   79.800
_cell.angle_alpha   90.00
_cell.angle_beta   90.00
_cell.angle_gamma   90.00
#
_symmetry.space_group_name_H-M   'P 21 21 21'
#
loop_
_entity.id
_entity.type
_entity.pdbx_description
1 polymer 'Serine/threonine-protein kinase haspin'
2 non-polymer 'IODIDE ION'
3 non-polymer (2R,3R,4S,5R)-2-(4-AMINO-5-IODO-7H-PYRROLO[2,3-D]PYRIMIDIN-7-YL)-5-(HYDROXYMETHYL)TETRAHYDROFURAN-3,4-DIOL
4 non-polymer 'DIMETHYL SULFOXIDE'
5 non-polymer 'PHOSPHATE ION'
6 water water
#
_entity_poly.entity_id   1
_entity_poly.type   'polypeptide(L)'
_entity_poly.pdbx_seq_one_letter_code
;MHHHHHHSSGVDLGTENLYFQSMGECSQKGPVPFSHCLPTEKLQRCEKIGEGVFGEVFQTIADHTPVAIKIIAIEGPDLV
NGSHQKTFEEILPEIIISKELSLLSGEVCNRTEGFIGLNSVHCVQGSYPPLLLKAWDHYNSTKGSANDRPDFFKDDQLFI
VLETEFGGIDLEQMRTKLSSLATAKSILHQLTASLAVAEASLRFEHRDLHWGNVLLKKTSLKKLHYTLNGKSSTIPSCGL
QVSIIDYTLSRLERDGIVVFCDVSMDEDLFTGDGDYQFDIYRLMKKENNNRWGEYHPYSNVLWLHYLTDKMLKQMTFKTK
CNTPAMKQIKRKIQEFHRTMLNFSSATDLLCQHSLFK
;
_entity_poly.pdbx_strand_id   A
#
loop_
_chem_comp.id
_chem_comp.type
_chem_comp.name
_chem_comp.formula
5ID non-polymer (2R,3R,4S,5R)-2-(4-AMINO-5-IODO-7H-PYRROLO[2,3-D]PYRIMIDIN-7-YL)-5-(HYDROXYMETHYL)TETRAHYDROFURAN-3,4-DIOL 'C11 H13 I N4 O4'
DMS non-polymer 'DIMETHYL SULFOXIDE' 'C2 H6 O S'
IOD non-polymer 'IODIDE ION' 'I -1'
PO4 non-polymer 'PHOSPHATE ION' 'O4 P -3'
#
# COMPACT_ATOMS: atom_id res chain seq x y z
N GLY A 30 18.69 -21.45 -5.46
CA GLY A 30 18.94 -20.67 -6.71
C GLY A 30 17.64 -20.20 -7.37
N PRO A 31 17.75 -19.31 -8.36
CA PRO A 31 16.52 -18.82 -8.98
C PRO A 31 15.72 -19.90 -9.73
N VAL A 32 14.45 -19.60 -9.96
CA VAL A 32 13.49 -20.48 -10.66
C VAL A 32 13.06 -19.82 -11.99
N PRO A 33 12.54 -20.58 -12.98
CA PRO A 33 11.97 -19.95 -14.18
C PRO A 33 10.64 -19.33 -13.88
N PHE A 34 10.20 -18.44 -14.76
CA PHE A 34 8.91 -17.78 -14.59
C PHE A 34 7.79 -18.82 -14.50
N SER A 35 7.97 -19.91 -15.25
CA SER A 35 6.96 -20.97 -15.27
C SER A 35 6.68 -21.65 -13.93
N HIS A 36 7.59 -21.53 -12.98
CA HIS A 36 7.39 -22.03 -11.64
C HIS A 36 6.27 -21.23 -10.94
N CYS A 37 6.33 -19.91 -11.03
CA CYS A 37 5.30 -18.98 -10.50
C CYS A 37 4.05 -18.87 -11.32
N LEU A 38 4.20 -18.94 -12.63
CA LEU A 38 3.13 -18.70 -13.56
C LEU A 38 3.14 -19.90 -14.48
N PRO A 39 2.60 -21.04 -14.00
CA PRO A 39 2.33 -22.12 -14.92
C PRO A 39 1.41 -21.68 -16.03
N THR A 40 1.29 -22.46 -17.08
CA THR A 40 0.63 -22.04 -18.33
CA THR A 40 0.71 -21.92 -18.29
C THR A 40 -0.72 -21.36 -18.11
N GLU A 41 -1.64 -22.04 -17.42
CA GLU A 41 -3.02 -21.52 -17.31
C GLU A 41 -3.07 -20.19 -16.51
N LYS A 42 -2.26 -20.11 -15.48
CA LYS A 42 -2.12 -18.89 -14.69
C LYS A 42 -1.48 -17.75 -15.51
N LEU A 43 -0.46 -18.07 -16.31
CA LEU A 43 0.13 -17.08 -17.19
C LEU A 43 -0.89 -16.58 -18.22
N GLN A 44 -1.64 -17.50 -18.81
CA GLN A 44 -2.64 -17.17 -19.81
C GLN A 44 -3.76 -16.28 -19.29
N ARG A 45 -3.96 -16.28 -17.98
CA ARG A 45 -5.02 -15.48 -17.37
C ARG A 45 -4.51 -14.16 -16.83
N CYS A 46 -3.22 -13.86 -16.97
CA CYS A 46 -2.68 -12.59 -16.51
C CYS A 46 -3.19 -11.39 -17.31
N GLU A 47 -3.60 -10.36 -16.58
CA GLU A 47 -3.97 -9.07 -17.13
C GLU A 47 -3.21 -8.03 -16.33
N LYS A 48 -2.66 -7.02 -17.00
CA LYS A 48 -1.94 -5.98 -16.26
C LYS A 48 -2.95 -5.07 -15.54
N ILE A 49 -2.64 -4.75 -14.28
CA ILE A 49 -3.50 -3.89 -13.45
C ILE A 49 -2.80 -2.67 -12.88
N GLY A 50 -1.49 -2.56 -12.99
CA GLY A 50 -0.83 -1.39 -12.46
C GLY A 50 0.63 -1.39 -12.75
N GLU A 51 1.29 -0.30 -12.37
CA GLU A 51 2.67 -0.10 -12.68
C GLU A 51 3.27 0.97 -11.83
N GLY A 52 4.60 0.99 -11.82
CA GLY A 52 5.35 2.07 -11.24
C GLY A 52 6.76 2.01 -11.75
N VAL A 53 7.61 2.91 -11.31
CA VAL A 53 9.00 2.84 -11.68
C VAL A 53 9.59 1.50 -11.32
N PHE A 54 9.12 0.91 -10.22
CA PHE A 54 9.55 -0.39 -9.79
C PHE A 54 9.38 -1.53 -10.77
N GLY A 55 8.38 -1.43 -11.67
CA GLY A 55 7.97 -2.58 -12.44
C GLY A 55 6.49 -2.64 -12.70
N GLU A 56 5.94 -3.86 -12.66
CA GLU A 56 4.65 -4.16 -13.27
C GLU A 56 3.83 -4.97 -12.28
N VAL A 57 2.51 -4.80 -12.33
CA VAL A 57 1.59 -5.61 -11.52
C VAL A 57 0.52 -6.19 -12.41
N PHE A 58 0.31 -7.51 -12.28
CA PHE A 58 -0.67 -8.26 -13.02
C PHE A 58 -1.67 -8.87 -12.07
N GLN A 59 -2.86 -9.13 -12.57
CA GLN A 59 -3.85 -9.96 -11.87
C GLN A 59 -3.99 -11.25 -12.63
N THR A 60 -4.12 -12.34 -11.87
CA THR A 60 -4.44 -13.61 -12.47
C THR A 60 -5.28 -14.39 -11.50
N ILE A 61 -5.49 -15.67 -11.78
CA ILE A 61 -6.40 -16.52 -10.99
C ILE A 61 -5.68 -17.81 -10.78
N ALA A 62 -5.76 -18.31 -9.56
CA ALA A 62 -5.42 -19.70 -9.33
C ALA A 62 -6.32 -20.20 -8.19
N ASP A 63 -6.68 -21.47 -8.30
CA ASP A 63 -7.68 -22.08 -7.43
C ASP A 63 -8.86 -21.12 -7.24
N HIS A 64 -9.37 -20.66 -8.39
CA HIS A 64 -10.63 -19.88 -8.47
C HIS A 64 -10.55 -18.56 -7.74
N THR A 65 -9.35 -18.10 -7.42
CA THR A 65 -9.18 -16.96 -6.51
C THR A 65 -8.26 -15.96 -7.19
N PRO A 66 -8.67 -14.69 -7.31
CA PRO A 66 -7.76 -13.72 -7.91
C PRO A 66 -6.55 -13.46 -7.04
N VAL A 67 -5.43 -13.21 -7.70
CA VAL A 67 -4.22 -12.83 -7.04
C VAL A 67 -3.53 -11.76 -7.83
N ALA A 68 -2.66 -11.01 -7.17
CA ALA A 68 -1.84 -10.03 -7.85
C ALA A 68 -0.39 -10.50 -7.86
N ILE A 69 0.28 -10.19 -8.96
CA ILE A 69 1.66 -10.60 -9.18
C ILE A 69 2.48 -9.34 -9.47
N LYS A 70 3.41 -9.01 -8.60
CA LYS A 70 4.29 -7.85 -8.76
C LYS A 70 5.64 -8.33 -9.19
N ILE A 71 6.15 -7.79 -10.29
CA ILE A 71 7.38 -8.27 -10.88
C ILE A 71 8.37 -7.11 -10.93
N ILE A 72 9.52 -7.33 -10.28
CA ILE A 72 10.56 -6.29 -10.14
C ILE A 72 11.89 -6.83 -10.63
N ALA A 73 12.50 -6.19 -11.63
CA ALA A 73 13.84 -6.58 -12.10
C ALA A 73 14.86 -6.16 -11.07
N ILE A 74 15.80 -7.05 -10.78
CA ILE A 74 16.87 -6.77 -9.83
C ILE A 74 18.25 -7.17 -10.39
N GLU A 75 19.28 -6.54 -9.83
CA GLU A 75 20.67 -6.97 -9.97
C GLU A 75 21.36 -6.68 -11.29
N GLY A 76 20.64 -6.15 -12.27
CA GLY A 76 21.17 -5.89 -13.59
C GLY A 76 21.62 -4.47 -13.77
N PRO A 77 22.32 -4.22 -14.88
CA PRO A 77 22.95 -2.90 -15.15
C PRO A 77 22.08 -1.94 -15.94
N ASP A 78 21.02 -2.45 -16.53
CA ASP A 78 20.18 -1.66 -17.42
C ASP A 78 19.30 -0.73 -16.60
N LEU A 79 19.10 0.48 -17.11
CA LEU A 79 18.02 1.31 -16.59
C LEU A 79 16.69 0.66 -16.96
N VAL A 80 15.77 0.73 -15.99
CA VAL A 80 14.40 0.22 -16.20
C VAL A 80 13.48 1.35 -15.77
N ASN A 81 12.63 1.81 -16.70
CA ASN A 81 11.74 2.95 -16.45
C ASN A 81 12.51 4.17 -15.96
N GLY A 82 13.73 4.33 -16.48
CA GLY A 82 14.57 5.47 -16.15
C GLY A 82 15.43 5.41 -14.92
N SER A 83 15.32 4.33 -14.15
CA SER A 83 16.03 4.17 -12.88
C SER A 83 16.84 2.88 -12.87
N HIS A 84 17.90 2.88 -12.07
CA HIS A 84 18.67 1.65 -11.85
C HIS A 84 17.87 0.62 -11.06
N GLN A 85 18.17 -0.64 -11.37
CA GLN A 85 17.58 -1.76 -10.65
C GLN A 85 18.16 -1.88 -9.25
N LYS A 86 17.29 -2.27 -8.32
CA LYS A 86 17.74 -2.58 -6.97
C LYS A 86 18.61 -3.81 -6.97
N THR A 87 19.53 -3.87 -6.04
CA THR A 87 20.24 -5.09 -5.72
C THR A 87 19.38 -5.95 -4.82
N PHE A 88 19.81 -7.19 -4.63
CA PHE A 88 19.14 -8.05 -3.70
C PHE A 88 19.09 -7.43 -2.28
N GLU A 89 20.19 -6.84 -1.83
CA GLU A 89 20.20 -6.16 -0.53
C GLU A 89 19.21 -5.02 -0.44
N GLU A 90 19.04 -4.28 -1.54
CA GLU A 90 18.14 -3.14 -1.54
C GLU A 90 16.68 -3.55 -1.61
N ILE A 91 16.36 -4.72 -2.16
CA ILE A 91 14.96 -5.17 -2.27
C ILE A 91 14.51 -5.95 -1.04
N LEU A 92 15.47 -6.50 -0.29
CA LEU A 92 15.12 -7.33 0.86
CA LEU A 92 15.15 -7.32 0.89
C LEU A 92 14.20 -6.63 1.89
N PRO A 93 14.44 -5.36 2.24
CA PRO A 93 13.51 -4.72 3.19
C PRO A 93 12.06 -4.77 2.81
N GLU A 94 11.71 -4.47 1.57
CA GLU A 94 10.32 -4.47 1.24
CA GLU A 94 10.32 -4.51 1.08
C GLU A 94 9.73 -5.89 1.30
N ILE A 95 10.53 -6.92 1.00
CA ILE A 95 10.09 -8.32 1.12
C ILE A 95 9.85 -8.66 2.58
N ILE A 96 10.80 -8.31 3.44
CA ILE A 96 10.66 -8.60 4.87
C ILE A 96 9.45 -7.90 5.43
N ILE A 97 9.26 -6.63 5.07
CA ILE A 97 8.14 -5.87 5.61
C ILE A 97 6.81 -6.44 5.10
N SER A 98 6.74 -6.82 3.83
CA SER A 98 5.57 -7.49 3.24
CA SER A 98 5.51 -7.40 3.37
C SER A 98 5.14 -8.66 4.13
N LYS A 99 6.13 -9.50 4.45
CA LYS A 99 5.85 -10.72 5.21
C LYS A 99 5.35 -10.35 6.61
N GLU A 100 6.05 -9.44 7.29
CA GLU A 100 5.67 -9.11 8.65
C GLU A 100 4.26 -8.56 8.75
N LEU A 101 3.91 -7.70 7.80
CA LEU A 101 2.58 -7.09 7.81
C LEU A 101 1.48 -8.07 7.44
N SER A 102 1.78 -8.98 6.52
CA SER A 102 0.83 -10.02 6.19
C SER A 102 0.56 -10.92 7.40
N LEU A 103 1.60 -11.24 8.15
CA LEU A 103 1.46 -12.11 9.33
C LEU A 103 0.58 -11.54 10.42
N LEU A 104 0.33 -10.21 10.38
CA LEU A 104 -0.55 -9.63 11.38
C LEU A 104 -1.95 -10.18 11.29
N SER A 105 -2.35 -10.76 10.15
CA SER A 105 -3.70 -11.32 10.07
C SER A 105 -3.91 -12.54 10.94
N GLY A 106 -2.81 -13.17 11.34
CA GLY A 106 -2.85 -14.38 12.15
C GLY A 106 -2.37 -14.22 13.59
N GLU A 107 -2.07 -12.98 13.97
CA GLU A 107 -1.63 -12.72 15.34
C GLU A 107 -2.77 -12.57 16.29
N VAL A 108 -2.46 -12.36 17.57
CA VAL A 108 -3.47 -12.39 18.63
C VAL A 108 -3.61 -11.03 19.34
N CYS A 109 -2.54 -10.54 19.92
CA CYS A 109 -2.58 -9.26 20.62
C CYS A 109 -2.66 -8.07 19.71
N ASN A 110 -1.98 -8.14 18.58
CA ASN A 110 -2.01 -7.07 17.59
C ASN A 110 -2.32 -7.71 16.26
N ARG A 111 -3.59 -7.64 15.88
CA ARG A 111 -4.13 -8.40 14.74
CA ARG A 111 -4.12 -8.38 14.74
C ARG A 111 -4.85 -7.45 13.79
N THR A 112 -4.53 -7.53 12.52
CA THR A 112 -5.25 -6.77 11.51
C THR A 112 -5.12 -7.50 10.19
N GLU A 113 -6.18 -7.39 9.37
CA GLU A 113 -6.16 -7.84 7.99
C GLU A 113 -5.98 -6.71 7.01
N GLY A 114 -5.60 -5.52 7.50
CA GLY A 114 -5.58 -4.36 6.65
C GLY A 114 -4.43 -4.15 5.75
N PHE A 115 -3.41 -5.01 5.83
CA PHE A 115 -2.29 -5.02 4.86
C PHE A 115 -2.46 -6.16 3.88
N ILE A 116 -1.83 -6.09 2.78
CA ILE A 116 -2.10 -7.08 1.73
C ILE A 116 -1.52 -8.45 2.12
N GLY A 117 -2.30 -9.50 1.90
CA GLY A 117 -1.80 -10.83 2.20
C GLY A 117 -0.69 -11.24 1.24
N LEU A 118 0.38 -11.79 1.75
CA LEU A 118 1.50 -12.24 0.94
C LEU A 118 1.42 -13.76 0.76
N ASN A 119 1.28 -14.23 -0.47
CA ASN A 119 1.18 -15.65 -0.73
C ASN A 119 2.55 -16.32 -0.95
N SER A 120 3.42 -15.63 -1.72
CA SER A 120 4.73 -16.20 -2.02
C SER A 120 5.65 -15.12 -2.56
N VAL A 121 6.95 -15.40 -2.43
CA VAL A 121 7.99 -14.56 -3.02
C VAL A 121 8.97 -15.48 -3.68
N HIS A 122 9.34 -15.20 -4.93
CA HIS A 122 10.36 -15.98 -5.65
C HIS A 122 11.38 -15.08 -6.28
N CYS A 123 12.58 -15.62 -6.40
CA CYS A 123 13.60 -15.05 -7.28
C CYS A 123 13.59 -15.85 -8.56
N VAL A 124 13.25 -15.15 -9.64
CA VAL A 124 13.07 -15.73 -10.92
C VAL A 124 14.22 -15.31 -11.85
N GLN A 125 14.63 -16.20 -12.77
CA GLN A 125 15.59 -15.87 -13.79
C GLN A 125 15.03 -16.17 -15.16
N GLY A 126 15.18 -15.22 -16.07
CA GLY A 126 14.76 -15.42 -17.45
C GLY A 126 14.40 -14.16 -18.15
N SER A 127 14.17 -14.25 -19.46
CA SER A 127 13.61 -13.13 -20.21
C SER A 127 12.12 -12.98 -19.84
N TYR A 128 11.57 -11.81 -20.11
CA TYR A 128 10.18 -11.55 -19.77
C TYR A 128 9.24 -12.46 -20.59
N PRO A 129 8.27 -13.13 -19.95
CA PRO A 129 7.37 -13.99 -20.70
C PRO A 129 6.58 -13.26 -21.79
N PRO A 130 6.60 -13.79 -23.00
CA PRO A 130 5.79 -13.19 -24.07
C PRO A 130 4.32 -12.97 -23.73
N LEU A 131 3.71 -13.86 -22.97
CA LEU A 131 2.30 -13.66 -22.59
C LEU A 131 2.14 -12.47 -21.67
N LEU A 132 3.13 -12.16 -20.84
CA LEU A 132 3.08 -10.94 -20.03
C LEU A 132 3.29 -9.69 -20.88
N LEU A 133 4.12 -9.77 -21.93
CA LEU A 133 4.27 -8.67 -22.87
C LEU A 133 2.97 -8.40 -23.60
N LYS A 134 2.23 -9.45 -23.93
CA LYS A 134 0.91 -9.29 -24.55
C LYS A 134 -0.03 -8.53 -23.62
N ALA A 135 -0.05 -8.92 -22.36
CA ALA A 135 -0.81 -8.22 -21.37
C ALA A 135 -0.36 -6.76 -21.20
N TRP A 136 0.94 -6.55 -21.19
CA TRP A 136 1.49 -5.21 -21.06
C TRP A 136 1.05 -4.34 -22.23
N ASP A 137 1.08 -4.89 -23.43
CA ASP A 137 0.64 -4.14 -24.64
C ASP A 137 -0.84 -3.77 -24.58
N HIS A 138 -1.67 -4.67 -24.08
CA HIS A 138 -3.10 -4.39 -23.99
C HIS A 138 -3.36 -3.20 -23.07
N TYR A 139 -2.68 -3.18 -21.93
CA TYR A 139 -2.78 -2.07 -20.98
C TYR A 139 -2.29 -0.75 -21.61
N ASN A 140 -1.16 -0.81 -22.31
CA ASN A 140 -0.62 0.38 -22.96
C ASN A 140 -1.58 0.95 -24.00
N SER A 141 -2.23 0.06 -24.74
CA SER A 141 -3.18 0.42 -25.77
C SER A 141 -4.48 1.02 -25.23
N THR A 142 -4.90 0.62 -24.04
CA THR A 142 -6.17 1.04 -23.44
C THR A 142 -6.05 2.14 -22.41
N LYS A 143 -5.10 2.03 -21.49
CA LYS A 143 -4.89 2.96 -20.37
C LYS A 143 -3.66 3.86 -20.59
N GLY A 144 -2.67 3.36 -21.30
CA GLY A 144 -1.42 4.04 -21.52
C GLY A 144 -0.44 3.72 -20.39
N SER A 145 0.83 3.61 -20.74
CA SER A 145 1.87 3.33 -19.77
C SER A 145 2.95 4.41 -19.76
N ALA A 146 3.49 4.67 -18.58
CA ALA A 146 4.67 5.52 -18.43
C ALA A 146 5.97 4.68 -18.47
N ASN A 147 5.86 3.37 -18.50
CA ASN A 147 7.01 2.47 -18.42
C ASN A 147 7.54 2.07 -19.76
N ASP A 148 8.79 1.59 -19.77
CA ASP A 148 9.33 0.92 -20.94
C ASP A 148 8.67 -0.45 -21.14
N ARG A 149 8.46 -0.83 -22.38
CA ARG A 149 7.99 -2.18 -22.66
C ARG A 149 9.10 -3.13 -22.19
N PRO A 150 8.78 -4.08 -21.30
CA PRO A 150 9.85 -4.85 -20.64
C PRO A 150 10.33 -6.02 -21.47
N ASP A 151 10.77 -5.73 -22.70
CA ASP A 151 11.06 -6.74 -23.70
C ASP A 151 12.55 -6.86 -24.00
N PHE A 152 13.36 -6.20 -23.19
CA PHE A 152 14.79 -6.05 -23.45
C PHE A 152 15.64 -6.85 -22.46
N PHE A 153 15.00 -7.62 -21.59
CA PHE A 153 15.74 -8.43 -20.64
C PHE A 153 16.28 -9.67 -21.29
N LYS A 154 17.47 -10.08 -20.87
CA LYS A 154 18.08 -11.31 -21.35
C LYS A 154 17.72 -12.50 -20.45
N ASP A 155 18.13 -13.69 -20.90
CA ASP A 155 17.77 -14.91 -20.20
C ASP A 155 18.50 -15.10 -18.88
N ASP A 156 19.48 -14.25 -18.55
CA ASP A 156 20.10 -14.27 -17.22
C ASP A 156 19.54 -13.25 -16.26
N GLN A 157 18.53 -12.49 -16.67
CA GLN A 157 17.97 -11.44 -15.82
C GLN A 157 17.30 -12.02 -14.61
N LEU A 158 17.55 -11.42 -13.45
CA LEU A 158 16.85 -11.77 -12.23
C LEU A 158 15.70 -10.84 -11.94
N PHE A 159 14.66 -11.40 -11.35
CA PHE A 159 13.47 -10.67 -10.90
C PHE A 159 13.06 -11.16 -9.54
N ILE A 160 12.41 -10.29 -8.78
CA ILE A 160 11.59 -10.74 -7.66
C ILE A 160 10.15 -10.75 -8.11
N VAL A 161 9.46 -11.87 -7.85
CA VAL A 161 8.04 -11.99 -8.16
C VAL A 161 7.30 -12.18 -6.82
N LEU A 162 6.48 -11.21 -6.47
CA LEU A 162 5.68 -11.28 -5.26
C LEU A 162 4.25 -11.60 -5.63
N GLU A 163 3.70 -12.65 -5.06
CA GLU A 163 2.28 -12.95 -5.26
C GLU A 163 1.54 -12.59 -3.99
N THR A 164 0.55 -11.74 -4.15
CA THR A 164 -0.28 -11.27 -3.04
C THR A 164 -1.75 -11.53 -3.29
N GLU A 165 -2.52 -11.38 -2.22
CA GLU A 165 -3.93 -11.20 -2.30
C GLU A 165 -4.26 -10.09 -3.34
N PHE A 166 -5.33 -10.30 -4.09
CA PHE A 166 -5.86 -9.25 -4.93
C PHE A 166 -6.66 -8.31 -4.02
N GLY A 167 -6.25 -7.05 -4.02
CA GLY A 167 -6.81 -6.09 -3.04
C GLY A 167 -7.94 -5.23 -3.57
N GLY A 168 -8.31 -5.36 -4.84
CA GLY A 168 -9.35 -4.54 -5.44
C GLY A 168 -8.75 -3.40 -6.20
N ILE A 169 -9.40 -2.23 -6.12
CA ILE A 169 -9.07 -1.08 -6.96
C ILE A 169 -8.54 0.02 -6.05
N ASP A 170 -7.51 0.74 -6.50
CA ASP A 170 -6.94 1.80 -5.67
C ASP A 170 -7.89 2.99 -5.53
N LEU A 171 -7.69 3.69 -4.41
CA LEU A 171 -8.52 4.85 -4.07
C LEU A 171 -8.50 5.92 -5.16
N GLU A 172 -7.34 6.16 -5.77
CA GLU A 172 -7.23 7.12 -6.87
C GLU A 172 -8.17 6.78 -8.04
N GLN A 173 -8.18 5.50 -8.42
CA GLN A 173 -9.06 5.04 -9.48
C GLN A 173 -10.54 5.02 -9.10
N MET A 174 -10.80 5.05 -7.79
CA MET A 174 -12.16 5.13 -7.24
C MET A 174 -12.59 6.54 -6.91
N ARG A 175 -11.85 7.54 -7.39
CA ARG A 175 -12.16 8.96 -7.12
C ARG A 175 -13.62 9.31 -7.29
N THR A 176 -14.25 8.78 -8.33
CA THR A 176 -15.62 9.11 -8.69
C THR A 176 -16.59 7.97 -8.45
N LYS A 177 -16.19 6.93 -7.70
CA LYS A 177 -16.95 5.69 -7.66
C LYS A 177 -17.52 5.29 -6.31
N LEU A 178 -17.24 6.05 -5.25
CA LEU A 178 -17.69 5.70 -3.91
C LEU A 178 -19.06 6.28 -3.65
N SER A 179 -19.81 5.63 -2.77
CA SER A 179 -21.19 5.97 -2.50
C SER A 179 -21.37 7.32 -1.81
N SER A 180 -20.63 7.52 -0.72
CA SER A 180 -20.83 8.72 0.11
C SER A 180 -19.64 8.93 1.05
N LEU A 181 -19.66 10.05 1.76
CA LEU A 181 -18.65 10.28 2.79
C LEU A 181 -18.75 9.27 3.94
N ALA A 182 -19.87 8.57 4.11
CA ALA A 182 -19.89 7.47 5.09
C ALA A 182 -18.90 6.40 4.72
N THR A 183 -18.75 6.16 3.42
CA THR A 183 -17.74 5.23 2.94
C THR A 183 -16.32 5.74 3.25
N ALA A 184 -16.13 7.04 3.03
CA ALA A 184 -14.86 7.66 3.34
C ALA A 184 -14.47 7.49 4.82
N LYS A 185 -15.46 7.64 5.71
CA LYS A 185 -15.22 7.49 7.12
C LYS A 185 -14.74 6.05 7.40
N SER A 186 -15.42 5.07 6.84
CA SER A 186 -14.99 3.66 7.01
C SER A 186 -13.58 3.45 6.54
N ILE A 187 -13.22 4.02 5.39
CA ILE A 187 -11.90 3.85 4.83
C ILE A 187 -10.85 4.47 5.76
N LEU A 188 -11.11 5.68 6.26
CA LEU A 188 -10.16 6.30 7.18
C LEU A 188 -10.03 5.51 8.47
N HIS A 189 -11.13 4.97 8.97
CA HIS A 189 -11.09 4.21 10.23
C HIS A 189 -10.31 2.92 10.02
N GLN A 190 -10.56 2.23 8.91
CA GLN A 190 -9.79 1.03 8.59
C GLN A 190 -8.30 1.30 8.48
N LEU A 191 -7.93 2.36 7.77
CA LEU A 191 -6.53 2.71 7.62
C LEU A 191 -5.87 3.04 8.94
N THR A 192 -6.57 3.84 9.75
CA THR A 192 -6.01 4.26 11.01
C THR A 192 -5.81 3.03 11.91
N ALA A 193 -6.80 2.12 11.93
CA ALA A 193 -6.69 0.92 12.78
C ALA A 193 -5.53 0.05 12.31
N SER A 194 -5.41 -0.16 11.03
CA SER A 194 -4.31 -1.02 10.53
C SER A 194 -2.97 -0.44 10.89
N LEU A 195 -2.79 0.86 10.67
CA LEU A 195 -1.56 1.50 11.01
C LEU A 195 -1.30 1.45 12.50
N ALA A 196 -2.32 1.63 13.34
CA ALA A 196 -2.13 1.58 14.79
C ALA A 196 -1.65 0.18 15.20
N VAL A 197 -2.26 -0.87 14.65
CA VAL A 197 -1.89 -2.25 14.99
C VAL A 197 -0.43 -2.49 14.59
N ALA A 198 -0.04 -2.01 13.41
CA ALA A 198 1.35 -2.16 12.98
C ALA A 198 2.33 -1.31 13.76
N GLU A 199 1.93 -0.13 14.24
CA GLU A 199 2.76 0.64 15.16
C GLU A 199 3.00 -0.18 16.44
N ALA A 200 1.91 -0.73 16.97
CA ALA A 200 2.00 -1.38 18.26
C ALA A 200 2.84 -2.66 18.19
N SER A 201 2.74 -3.38 17.08
CA SER A 201 3.42 -4.69 16.98
CA SER A 201 3.39 -4.69 16.93
C SER A 201 4.84 -4.56 16.44
N LEU A 202 5.05 -3.59 15.56
CA LEU A 202 6.27 -3.55 14.72
C LEU A 202 6.93 -2.19 14.66
N ARG A 203 6.41 -1.17 15.35
CA ARG A 203 6.94 0.18 15.25
C ARG A 203 7.08 0.56 13.76
N PHE A 204 5.98 0.29 13.07
CA PHE A 204 5.86 0.48 11.63
C PHE A 204 5.54 1.91 11.22
N GLU A 205 6.21 2.39 10.17
CA GLU A 205 5.78 3.57 9.43
C GLU A 205 5.72 3.19 7.97
N HIS A 206 4.61 3.51 7.30
CA HIS A 206 4.48 3.16 5.90
C HIS A 206 5.39 4.07 5.03
N ARG A 207 5.31 5.37 5.27
CA ARG A 207 6.15 6.39 4.64
C ARG A 207 5.86 6.72 3.17
N ASP A 208 4.87 6.10 2.57
CA ASP A 208 4.52 6.41 1.16
C ASP A 208 3.06 6.05 0.87
N LEU A 209 2.16 6.45 1.75
CA LEU A 209 0.76 6.01 1.66
C LEU A 209 -0.09 6.96 0.82
N HIS A 210 0.36 7.18 -0.41
CA HIS A 210 -0.41 7.92 -1.36
C HIS A 210 -1.64 7.11 -1.79
N TRP A 211 -2.58 7.77 -2.46
CA TRP A 211 -3.86 7.09 -2.74
C TRP A 211 -3.84 6.02 -3.80
N GLY A 212 -2.70 5.82 -4.45
CA GLY A 212 -2.47 4.59 -5.24
C GLY A 212 -2.21 3.36 -4.39
N ASN A 213 -1.92 3.56 -3.11
CA ASN A 213 -1.53 2.44 -2.21
C ASN A 213 -2.58 2.04 -1.21
N VAL A 214 -3.80 2.55 -1.41
CA VAL A 214 -4.98 2.20 -0.60
C VAL A 214 -5.91 1.47 -1.54
N LEU A 215 -6.13 0.18 -1.31
CA LEU A 215 -6.97 -0.62 -2.20
C LEU A 215 -8.30 -0.92 -1.58
N LEU A 216 -9.35 -0.95 -2.41
CA LEU A 216 -10.70 -1.18 -1.94
C LEU A 216 -11.33 -2.35 -2.65
N LYS A 217 -11.89 -3.28 -1.90
CA LYS A 217 -12.62 -4.45 -2.49
C LYS A 217 -13.94 -4.63 -1.77
N LYS A 218 -14.95 -5.12 -2.48
CA LYS A 218 -16.24 -5.38 -1.87
C LYS A 218 -16.08 -6.45 -0.80
N THR A 219 -16.83 -6.30 0.30
CA THR A 219 -16.99 -7.38 1.29
C THR A 219 -18.47 -7.50 1.63
N SER A 220 -18.93 -8.71 1.94
CA SER A 220 -20.25 -8.90 2.49
C SER A 220 -20.30 -8.77 4.01
N LEU A 221 -19.14 -8.62 4.65
CA LEU A 221 -19.08 -8.42 6.09
C LEU A 221 -19.60 -7.03 6.43
N LYS A 222 -20.50 -6.94 7.40
CA LYS A 222 -20.96 -5.64 7.90
C LYS A 222 -19.96 -4.95 8.82
N LYS A 223 -19.19 -5.75 9.57
CA LYS A 223 -18.23 -5.28 10.59
C LYS A 223 -16.89 -5.94 10.23
N LEU A 224 -15.82 -5.17 10.32
CA LEU A 224 -14.45 -5.72 10.24
C LEU A 224 -13.80 -5.69 11.61
N HIS A 225 -12.92 -6.63 11.88
CA HIS A 225 -12.36 -6.83 13.24
C HIS A 225 -10.89 -6.54 13.28
N TYR A 226 -10.41 -5.95 14.36
CA TYR A 226 -8.98 -5.83 14.65
C TYR A 226 -8.78 -5.97 16.13
N THR A 227 -7.53 -6.24 16.54
CA THR A 227 -7.15 -6.25 17.93
C THR A 227 -5.91 -5.40 18.11
N LEU A 228 -5.95 -4.49 19.07
CA LEU A 228 -4.87 -3.56 19.35
C LEU A 228 -4.49 -3.74 20.79
N ASN A 229 -3.27 -4.20 21.03
CA ASN A 229 -2.74 -4.48 22.37
C ASN A 229 -3.70 -5.28 23.24
N GLY A 230 -4.27 -6.31 22.64
CA GLY A 230 -5.15 -7.19 23.32
C GLY A 230 -6.61 -6.81 23.43
N LYS A 231 -6.97 -5.61 22.95
CA LYS A 231 -8.35 -5.15 22.97
C LYS A 231 -8.93 -5.22 21.55
N SER A 232 -9.96 -6.04 21.38
CA SER A 232 -10.60 -6.20 20.07
C SER A 232 -11.72 -5.21 19.87
N SER A 233 -11.85 -4.73 18.65
CA SER A 233 -12.98 -3.88 18.27
C SER A 233 -13.39 -4.11 16.83
N THR A 234 -14.41 -3.40 16.39
CA THR A 234 -14.97 -3.57 15.07
C THR A 234 -15.13 -2.22 14.39
N ILE A 235 -15.20 -2.28 13.08
CA ILE A 235 -15.35 -1.10 12.23
C ILE A 235 -16.46 -1.42 11.23
N PRO A 236 -17.51 -0.58 11.12
CA PRO A 236 -18.48 -0.80 10.06
C PRO A 236 -17.82 -0.67 8.69
N SER A 237 -18.05 -1.65 7.83
CA SER A 237 -17.33 -1.74 6.58
C SER A 237 -17.86 -0.82 5.48
N CYS A 238 -19.12 -0.44 5.56
CA CYS A 238 -19.80 0.19 4.40
C CYS A 238 -19.58 -0.60 3.11
N GLY A 239 -19.49 -1.91 3.25
CA GLY A 239 -19.37 -2.80 2.10
C GLY A 239 -18.00 -2.87 1.48
N LEU A 240 -16.98 -2.28 2.11
CA LEU A 240 -15.62 -2.30 1.54
C LEU A 240 -14.57 -2.77 2.55
N GLN A 241 -13.61 -3.52 2.04
CA GLN A 241 -12.45 -3.90 2.81
C GLN A 241 -11.25 -3.17 2.23
N VAL A 242 -10.50 -2.47 3.08
CA VAL A 242 -9.32 -1.72 2.68
C VAL A 242 -8.04 -2.55 2.86
N SER A 243 -7.15 -2.48 1.86
CA SER A 243 -5.81 -3.07 1.97
C SER A 243 -4.76 -2.03 1.67
N ILE A 244 -3.73 -1.99 2.50
CA ILE A 244 -2.56 -1.13 2.29
C ILE A 244 -1.50 -1.94 1.57
N ILE A 245 -0.89 -1.34 0.56
CA ILE A 245 0.17 -1.97 -0.20
C ILE A 245 1.41 -1.04 -0.26
N ASP A 246 2.49 -1.64 -0.80
CA ASP A 246 3.70 -0.96 -1.30
CA ASP A 246 3.68 -0.94 -1.30
C ASP A 246 4.60 -0.47 -0.20
N TYR A 247 5.57 -1.30 0.17
CA TYR A 247 6.41 -1.03 1.33
C TYR A 247 7.82 -0.59 0.97
N THR A 248 7.98 0.00 -0.21
CA THR A 248 9.28 0.43 -0.69
C THR A 248 10.00 1.47 0.16
N LEU A 249 9.26 2.33 0.87
CA LEU A 249 9.85 3.33 1.71
C LEU A 249 9.63 3.02 3.18
N SER A 250 9.00 1.88 3.47
CA SER A 250 8.58 1.62 4.86
C SER A 250 9.69 1.25 5.81
N ARG A 251 9.34 1.32 7.10
CA ARG A 251 10.24 1.04 8.20
C ARG A 251 9.52 0.24 9.27
N LEU A 252 10.23 -0.70 9.87
CA LEU A 252 9.71 -1.34 11.07
C LEU A 252 10.90 -1.92 11.83
N GLU A 253 10.61 -2.51 12.99
CA GLU A 253 11.65 -3.16 13.76
C GLU A 253 11.11 -4.36 14.51
N ARG A 254 11.98 -5.32 14.74
CA ARG A 254 11.72 -6.41 15.65
C ARG A 254 12.95 -6.60 16.50
N ASP A 255 12.74 -6.60 17.80
CA ASP A 255 13.84 -6.77 18.77
C ASP A 255 15.05 -5.81 18.53
N GLY A 256 14.74 -4.53 18.19
CA GLY A 256 15.73 -3.48 17.89
C GLY A 256 16.50 -3.53 16.59
N ILE A 257 16.15 -4.49 15.72
CA ILE A 257 16.75 -4.60 14.43
C ILE A 257 15.76 -3.86 13.54
N VAL A 258 16.24 -2.78 12.95
CA VAL A 258 15.44 -1.92 12.12
C VAL A 258 15.62 -2.26 10.64
N VAL A 259 14.50 -2.33 9.92
CA VAL A 259 14.48 -2.57 8.52
C VAL A 259 13.84 -1.32 7.91
N PHE A 260 14.53 -0.67 6.98
CA PHE A 260 14.03 0.57 6.39
C PHE A 260 14.73 0.92 5.09
N CYS A 261 14.23 1.99 4.46
CA CYS A 261 14.86 2.54 3.26
C CYS A 261 15.51 3.87 3.60
N ASP A 262 16.83 3.91 3.54
CA ASP A 262 17.57 5.11 3.90
C ASP A 262 17.58 6.08 2.71
N VAL A 263 16.72 7.08 2.79
CA VAL A 263 16.57 8.10 1.75
C VAL A 263 17.23 9.43 2.17
N SER A 264 18.12 9.40 3.16
CA SER A 264 18.82 10.61 3.63
C SER A 264 19.60 11.38 2.55
N MET A 265 20.08 10.68 1.51
CA MET A 265 20.83 11.28 0.42
C MET A 265 20.07 11.32 -0.90
N ASP A 266 18.77 11.03 -0.88
CA ASP A 266 17.93 11.14 -2.06
C ASP A 266 17.65 12.63 -2.28
N GLU A 267 17.76 13.07 -3.51
CA GLU A 267 17.47 14.45 -3.88
C GLU A 267 15.98 14.53 -4.22
N ASP A 268 15.65 13.77 -5.27
CA ASP A 268 14.44 13.93 -6.04
C ASP A 268 13.20 13.70 -5.22
N LEU A 269 13.28 12.83 -4.20
CA LEU A 269 12.15 12.54 -3.34
C LEU A 269 11.56 13.76 -2.65
N PHE A 270 12.41 14.74 -2.32
CA PHE A 270 12.01 15.90 -1.54
C PHE A 270 11.78 17.17 -2.35
N THR A 271 11.80 17.06 -3.68
CA THR A 271 11.68 18.21 -4.60
C THR A 271 10.42 18.18 -5.50
N GLY A 272 9.44 17.32 -5.18
CA GLY A 272 8.18 17.26 -5.93
C GLY A 272 7.29 18.48 -5.66
N ASP A 273 6.36 18.74 -6.56
CA ASP A 273 5.33 19.76 -6.33
C ASP A 273 4.06 19.43 -7.11
N GLY A 274 2.99 20.19 -6.88
CA GLY A 274 1.70 19.97 -7.54
C GLY A 274 0.70 19.07 -6.85
N ASP A 275 1.06 18.51 -5.70
CA ASP A 275 0.17 17.62 -4.93
C ASP A 275 0.71 17.68 -3.50
N TYR A 276 -0.20 17.67 -2.54
CA TYR A 276 0.17 17.61 -1.14
C TYR A 276 1.05 16.38 -0.85
N GLN A 277 0.89 15.30 -1.61
CA GLN A 277 1.77 14.14 -1.52
C GLN A 277 3.23 14.54 -1.38
N PHE A 278 3.68 15.46 -2.23
CA PHE A 278 5.09 15.81 -2.28
C PHE A 278 5.55 16.62 -1.08
N ASP A 279 4.63 17.35 -0.44
CA ASP A 279 4.90 18.01 0.81
C ASP A 279 5.08 17.01 1.95
N ILE A 280 4.38 15.89 1.88
CA ILE A 280 4.49 14.90 2.97
C ILE A 280 5.93 14.37 3.08
N TYR A 281 6.61 14.17 1.95
CA TYR A 281 7.99 13.70 2.00
C TYR A 281 8.83 14.72 2.76
N ARG A 282 8.60 16.02 2.48
CA ARG A 282 9.33 17.09 3.16
C ARG A 282 8.97 17.17 4.63
N LEU A 283 7.69 17.00 4.94
CA LEU A 283 7.23 17.05 6.33
C LEU A 283 7.77 15.88 7.15
N MET A 284 7.90 14.71 6.54
CA MET A 284 8.55 13.57 7.21
C MET A 284 10.01 13.87 7.52
N LYS A 285 10.72 14.44 6.54
CA LYS A 285 12.12 14.78 6.71
C LYS A 285 12.32 15.82 7.84
N LYS A 286 11.40 16.77 7.94
CA LYS A 286 11.42 17.73 9.07
C LYS A 286 11.25 17.01 10.40
N GLU A 287 10.26 16.14 10.48
CA GLU A 287 9.92 15.40 11.71
C GLU A 287 11.06 14.54 12.25
N ASN A 288 11.78 13.88 11.34
CA ASN A 288 12.82 12.91 11.74
C ASN A 288 14.22 13.44 11.61
N ASN A 289 14.36 14.72 11.26
CA ASN A 289 15.68 15.36 11.11
C ASN A 289 16.59 14.61 10.13
N ASN A 290 15.96 14.06 9.09
CA ASN A 290 16.62 13.25 8.06
C ASN A 290 17.30 11.96 8.55
N ARG A 291 16.80 11.42 9.66
CA ARG A 291 17.31 10.19 10.24
C ARG A 291 16.24 9.12 10.12
N TRP A 292 16.33 8.34 9.05
CA TRP A 292 15.28 7.44 8.63
C TRP A 292 15.23 6.10 9.38
N GLY A 293 16.27 5.78 10.14
CA GLY A 293 16.24 4.58 10.97
C GLY A 293 15.43 4.74 12.23
N GLU A 294 15.27 5.98 12.69
CA GLU A 294 14.49 6.26 13.89
C GLU A 294 13.00 5.98 13.69
N TYR A 295 12.29 5.83 14.81
CA TYR A 295 10.86 5.62 14.81
C TYR A 295 10.16 6.94 15.06
N HIS A 296 9.41 7.39 14.05
CA HIS A 296 8.60 8.61 14.14
C HIS A 296 7.20 8.29 13.60
N PRO A 297 6.32 7.71 14.44
CA PRO A 297 4.98 7.35 13.95
C PRO A 297 4.11 8.54 13.57
N TYR A 298 4.54 9.76 13.88
CA TYR A 298 3.87 10.91 13.31
C TYR A 298 3.81 10.86 11.77
N SER A 299 4.75 10.18 11.10
CA SER A 299 4.64 10.03 9.66
C SER A 299 3.35 9.35 9.25
N ASN A 300 2.86 8.41 10.05
CA ASN A 300 1.59 7.78 9.72
C ASN A 300 0.44 8.77 9.83
N VAL A 301 0.53 9.66 10.80
CA VAL A 301 -0.48 10.75 10.94
C VAL A 301 -0.45 11.68 9.71
N LEU A 302 0.76 12.04 9.27
CA LEU A 302 0.92 12.87 8.10
C LEU A 302 0.24 12.22 6.88
N TRP A 303 0.49 10.94 6.64
CA TRP A 303 -0.15 10.28 5.52
C TRP A 303 -1.67 10.19 5.65
N LEU A 304 -2.14 9.94 6.88
CA LEU A 304 -3.57 9.90 7.10
C LEU A 304 -4.16 11.30 6.87
N HIS A 305 -3.43 12.36 7.15
CA HIS A 305 -3.93 13.72 6.87
C HIS A 305 -3.99 13.95 5.37
N TYR A 306 -2.96 13.55 4.64
CA TYR A 306 -3.00 13.61 3.20
C TYR A 306 -4.19 12.83 2.62
N LEU A 307 -4.50 11.67 3.18
CA LEU A 307 -5.65 10.87 2.67
C LEU A 307 -6.98 11.51 3.00
N THR A 308 -7.09 12.09 4.19
CA THR A 308 -8.29 12.82 4.56
C THR A 308 -8.49 14.01 3.65
N ASP A 309 -7.40 14.68 3.33
CA ASP A 309 -7.42 15.82 2.43
C ASP A 309 -7.92 15.37 1.04
N LYS A 310 -7.44 14.22 0.55
CA LYS A 310 -7.99 13.68 -0.71
C LYS A 310 -9.49 13.39 -0.64
N MET A 311 -9.95 12.82 0.46
CA MET A 311 -11.35 12.48 0.67
C MET A 311 -12.22 13.76 0.58
N LEU A 312 -11.74 14.88 1.09
CA LEU A 312 -12.52 16.09 1.17
C LEU A 312 -12.42 17.00 -0.05
N LYS A 313 -11.29 16.91 -0.77
CA LYS A 313 -10.99 17.84 -1.84
C LYS A 313 -10.96 17.26 -3.24
N GLN A 314 -10.63 15.96 -3.35
CA GLN A 314 -10.50 15.31 -4.66
C GLN A 314 -11.57 14.24 -4.92
N MET A 315 -11.98 13.49 -3.92
CA MET A 315 -12.98 12.44 -4.12
C MET A 315 -14.30 13.16 -4.43
N THR A 316 -15.12 12.55 -5.27
CA THR A 316 -16.49 13.02 -5.48
C THR A 316 -17.40 11.83 -5.37
N PHE A 317 -18.50 11.99 -4.63
CA PHE A 317 -19.31 10.86 -4.22
C PHE A 317 -20.63 10.82 -4.97
N LYS A 318 -21.18 9.62 -5.16
CA LYS A 318 -22.39 9.45 -5.93
C LYS A 318 -23.58 10.13 -5.23
N THR A 319 -23.62 10.02 -3.91
CA THR A 319 -24.64 10.64 -3.08
C THR A 319 -23.95 11.62 -2.17
N LYS A 320 -24.44 12.84 -2.20
CA LYS A 320 -23.96 13.89 -1.29
C LYS A 320 -24.59 13.78 0.07
N CYS A 321 -24.06 14.59 0.97
CA CYS A 321 -24.60 14.72 2.30
C CYS A 321 -25.79 15.68 2.20
N ASN A 322 -26.94 15.11 1.85
CA ASN A 322 -28.23 15.80 1.64
C ASN A 322 -29.21 15.51 2.80
N THR A 323 -28.70 14.97 3.90
CA THR A 323 -29.51 14.59 5.08
C THR A 323 -28.76 15.19 6.27
N PRO A 324 -29.43 15.43 7.42
CA PRO A 324 -28.63 15.95 8.55
C PRO A 324 -27.60 14.98 9.17
N ALA A 325 -27.94 13.69 9.31
CA ALA A 325 -27.01 12.68 9.82
C ALA A 325 -25.74 12.51 8.95
N MET A 326 -25.87 12.80 7.66
CA MET A 326 -24.76 12.73 6.71
C MET A 326 -23.96 14.00 6.70
N LYS A 327 -24.62 15.14 6.82
CA LYS A 327 -23.97 16.45 7.00
C LYS A 327 -23.13 16.39 8.27
N GLN A 328 -23.56 15.59 9.26
CA GLN A 328 -22.80 15.42 10.48
C GLN A 328 -21.53 14.58 10.32
N ILE A 329 -21.62 13.51 9.54
CA ILE A 329 -20.44 12.74 9.18
C ILE A 329 -19.46 13.65 8.48
N LYS A 330 -19.94 14.46 7.55
CA LYS A 330 -19.09 15.42 6.84
C LYS A 330 -18.39 16.35 7.81
N ARG A 331 -19.14 16.93 8.75
CA ARG A 331 -18.56 17.82 9.73
CA ARG A 331 -18.53 17.83 9.71
C ARG A 331 -17.48 17.12 10.55
N LYS A 332 -17.73 15.86 10.91
CA LYS A 332 -16.78 15.10 11.72
C LYS A 332 -15.49 14.80 10.92
N ILE A 333 -15.58 14.53 9.62
CA ILE A 333 -14.40 14.32 8.81
C ILE A 333 -13.63 15.64 8.62
N GLN A 334 -14.35 16.73 8.41
CA GLN A 334 -13.70 18.06 8.41
C GLN A 334 -12.99 18.35 9.71
N GLU A 335 -13.63 18.05 10.85
CA GLU A 335 -13.00 18.25 12.16
C GLU A 335 -11.75 17.40 12.27
N PHE A 336 -11.82 16.14 11.80
CA PHE A 336 -10.67 15.25 11.78
C PHE A 336 -9.51 15.90 11.00
N HIS A 337 -9.81 16.46 9.82
CA HIS A 337 -8.81 17.06 8.99
C HIS A 337 -8.11 18.20 9.71
N ARG A 338 -8.86 19.00 10.49
CA ARG A 338 -8.23 20.19 11.11
C ARG A 338 -7.65 19.91 12.51
N THR A 339 -7.81 18.69 13.03
CA THR A 339 -7.30 18.38 14.37
C THR A 339 -6.28 17.25 14.40
N MET A 340 -6.32 16.37 13.41
CA MET A 340 -5.51 15.15 13.49
C MET A 340 -3.98 15.39 13.53
N LEU A 341 -3.50 16.51 12.99
CA LEU A 341 -2.06 16.78 13.04
C LEU A 341 -1.57 17.06 14.44
N ASN A 342 -2.49 17.24 15.41
CA ASN A 342 -2.09 17.35 16.80
C ASN A 342 -2.02 16.04 17.57
N PHE A 343 -2.05 14.91 16.86
CA PHE A 343 -1.92 13.59 17.46
C PHE A 343 -0.55 13.01 17.08
N SER A 344 -0.04 12.13 17.91
CA SER A 344 1.35 11.69 17.83
CA SER A 344 1.35 11.71 17.79
C SER A 344 1.58 10.47 16.97
N SER A 345 0.50 9.70 16.68
CA SER A 345 0.62 8.41 16.02
C SER A 345 -0.76 7.97 15.56
N ALA A 346 -0.83 6.97 14.70
CA ALA A 346 -2.11 6.37 14.37
C ALA A 346 -2.77 5.75 15.58
N THR A 347 -1.95 5.21 16.48
CA THR A 347 -2.47 4.63 17.71
C THR A 347 -3.20 5.71 18.51
N ASP A 348 -2.55 6.88 18.68
N ASP A 348 -2.59 6.88 18.67
CA ASP A 348 -3.15 8.07 19.36
CA ASP A 348 -3.27 7.92 19.45
C ASP A 348 -4.49 8.43 18.72
C ASP A 348 -4.52 8.43 18.73
N LEU A 349 -4.50 8.51 17.41
CA LEU A 349 -5.73 8.84 16.66
C LEU A 349 -6.83 7.83 16.92
N LEU A 350 -6.51 6.55 16.79
CA LEU A 350 -7.55 5.53 16.92
C LEU A 350 -8.15 5.57 18.30
N CYS A 351 -7.28 5.68 19.30
CA CYS A 351 -7.72 5.54 20.67
C CYS A 351 -8.37 6.80 21.23
N GLN A 352 -7.99 7.97 20.70
CA GLN A 352 -8.43 9.23 21.30
C GLN A 352 -9.26 10.16 20.44
N HIS A 353 -9.21 9.98 19.10
CA HIS A 353 -9.94 10.94 18.28
C HIS A 353 -11.45 10.68 18.31
N SER A 354 -12.21 11.74 18.44
CA SER A 354 -13.68 11.65 18.46
C SER A 354 -14.31 11.03 17.19
N LEU A 355 -13.62 11.03 16.06
CA LEU A 355 -14.18 10.50 14.81
C LEU A 355 -14.49 9.01 14.99
N PHE A 356 -13.70 8.34 15.81
CA PHE A 356 -13.80 6.88 15.97
C PHE A 356 -14.55 6.45 17.24
N LYS A 357 -15.29 7.34 17.88
CA LYS A 357 -16.12 7.01 19.06
C LYS A 357 -17.62 6.92 18.75
I IOD B . 2.95 -2.18 -5.27
I IOD C . 1.84 -6.02 -3.90
I IOD C . 2.54 -3.43 -4.35
I IOD C . 2.80 -4.78 -2.39
I IOD C . 3.41 -6.71 -3.47
O5' 5ID D . 1.37 -0.65 -7.34
C5' 5ID D . 0.86 -0.01 -8.51
C4' 5ID D . -0.63 -0.19 -8.70
O4' 5ID D . -0.94 -1.57 -8.98
C1' 5ID D . -2.14 -1.96 -8.34
N9 5ID D . -1.84 -2.98 -7.35
C8 5ID D . -0.63 -3.21 -6.74
C7 5ID D . -0.75 -4.29 -5.91
C5 5ID D . -2.08 -4.76 -5.97
C6 5ID D . -2.90 -5.76 -5.37
N1 5ID D . -4.19 -5.84 -5.71
C2 5ID D . -4.68 -4.97 -6.60
N3 5ID D . -4.03 -4.00 -7.22
C4 5ID D . -2.73 -3.91 -6.89
N6 5ID D . -2.45 -6.60 -4.44
C2' 5ID D . -2.75 -0.70 -7.76
O2' 5ID D . -3.63 -0.13 -8.74
C3' 5ID D . -1.51 0.13 -7.48
O3' 5ID D . -1.74 1.54 -7.43
IAE 5ID D . 0.82 -5.03 -4.75
S DMS E . -8.46 -0.05 20.45
O DMS E . -7.99 0.08 21.84
C1 DMS E . -9.59 -1.32 20.41
C2 DMS E . -9.39 1.33 20.08
P PO4 F . 13.37 -8.50 11.25
O1 PO4 F . 13.98 -9.22 10.09
O2 PO4 F . 14.25 -7.37 11.71
O3 PO4 F . 13.22 -9.47 12.39
O4 PO4 F . 11.97 -8.02 10.93
#